data_2CFM
#
_entry.id   2CFM
#
_cell.length_a   60.866
_cell.length_b   87.399
_cell.length_c   62.648
_cell.angle_alpha   90.00
_cell.angle_beta   109.22
_cell.angle_gamma   90.00
#
_symmetry.space_group_name_H-M   'P 1 21 1'
#
loop_
_entity.id
_entity.type
_entity.pdbx_description
1 polymer 'THERMOSTABLE DNA LIGASE'
2 non-polymer 'MAGNESIUM ION'
3 non-polymer 'ADENOSINE MONOPHOSPHATE'
4 water water
#
_entity_poly.entity_id   1
_entity_poly.type   'polypeptide(L)'
_entity_poly.pdbx_seq_one_letter_code
;(MSE)RYLELAQLYQKLEKTT(MSE)KLIKTRLVADFLKKVPDDHLEFIPYLILGEVFPEWDERELGVGEKLLIKAVA
(MSE)ATGIDAKEIEESVKDTGDLGESIALAVKKKKQKSFFSQPLTIKRVYQTLVKVAETTGEGSQDKKVKYLADLF
(MSE)DAEPLEAKYLARTILGT(MSE)RTGVAEGLLRDAIA(MSE)AFHVKVELVERAY(MSE)LTSDFGYVAKIAKLEG
NEGLAKVQVQLGKPIKP(MSE)LAQQAASIRDALLE(MSE)GGEAEFEIKYDGARVQVHKDGSKIIVYSRRLENVTRAIP
EIVEALKEAIIPEKAIVEGELVAIGENGRPLPFQYVLRRFRRKHNIEE(MSE)(MSE)EKIPLELNLFDVLYVDGQSLID
TKFIDRRRTLEEIIKQNEKIKVAENLITKKVEEAEAFYKRALE(MSE)GHEGL(MSE)AKRLDAVYEPGNRGKKWLKIKP
T(MSE)ENLDLVIIGAEWGEGRRAHLFGSFILGAYDPETGEFLEVGKVGSGFTDDDLVEFTK(MSE)LKPLIIKEEGKRV
WLQPKVVIEVTYQEIQKSPKYRSGFALRFPRFVALRDDKGPEDADTIERIAQLYELQEK(MSE)KGKVES
;
_entity_poly.pdbx_strand_id   A
#
# COMPACT_ATOMS: atom_id res chain seq x y z
N ARG A 2 -24.47 -14.69 -10.85
CA ARG A 2 -24.21 -14.03 -12.12
C ARG A 2 -23.36 -12.78 -11.97
N TYR A 3 -22.47 -12.55 -12.93
CA TYR A 3 -21.65 -11.35 -12.90
C TYR A 3 -22.56 -10.12 -12.99
N LEU A 4 -23.75 -10.30 -13.55
CA LEU A 4 -24.72 -9.21 -13.70
C LEU A 4 -25.06 -8.61 -12.33
N GLU A 5 -25.20 -9.47 -11.32
CA GLU A 5 -25.53 -8.98 -9.98
C GLU A 5 -24.40 -8.10 -9.45
N LEU A 6 -23.17 -8.46 -9.79
CA LEU A 6 -22.02 -7.70 -9.34
C LEU A 6 -21.98 -6.39 -10.14
N ALA A 7 -22.26 -6.46 -11.43
CA ALA A 7 -22.30 -5.25 -12.25
C ALA A 7 -23.38 -4.32 -11.71
N GLN A 8 -24.49 -4.89 -11.29
CA GLN A 8 -25.58 -4.09 -10.75
C GLN A 8 -25.20 -3.43 -9.44
N LEU A 9 -24.31 -4.08 -8.69
CA LEU A 9 -23.82 -3.52 -7.44
C LEU A 9 -22.93 -2.33 -7.78
N TYR A 10 -22.01 -2.50 -8.73
CA TYR A 10 -21.12 -1.40 -9.12
C TYR A 10 -21.95 -0.18 -9.51
N GLN A 11 -22.99 -0.43 -10.29
CA GLN A 11 -23.85 0.66 -10.73
C GLN A 11 -24.51 1.37 -9.55
N LYS A 12 -25.06 0.61 -8.61
CA LYS A 12 -25.69 1.22 -7.45
C LYS A 12 -24.66 2.01 -6.66
N LEU A 13 -23.45 1.46 -6.54
CA LEU A 13 -22.39 2.12 -5.80
C LEU A 13 -22.03 3.45 -6.45
N GLU A 14 -22.01 3.47 -7.76
CA GLU A 14 -21.70 4.72 -8.45
C GLU A 14 -22.83 5.73 -8.34
N LYS A 15 -24.04 5.26 -8.08
CA LYS A 15 -25.17 6.18 -8.01
C LYS A 15 -25.42 6.84 -6.65
N THR A 16 -24.53 6.58 -5.70
CA THR A 16 -24.66 7.22 -4.40
C THR A 16 -23.31 7.75 -3.99
N THR A 17 -23.32 8.86 -3.26
CA THR A 17 -22.10 9.48 -2.77
C THR A 17 -21.94 9.13 -1.31
N LYS A 19 -21.29 7.11 1.98
CA LYS A 19 -20.54 5.97 2.47
C LYS A 19 -21.43 4.94 3.15
N LEU A 20 -22.41 5.38 3.95
CA LEU A 20 -23.29 4.43 4.66
C LEU A 20 -24.15 3.62 3.71
N ILE A 21 -24.56 4.24 2.62
CA ILE A 21 -25.37 3.55 1.63
C ILE A 21 -24.47 2.54 0.91
N LYS A 22 -23.27 2.97 0.56
CA LYS A 22 -22.32 2.07 -0.10
C LYS A 22 -22.03 0.85 0.79
N THR A 23 -21.83 1.09 2.07
CA THR A 23 -21.52 0.01 3.01
C THR A 23 -22.64 -1.03 3.02
N ARG A 24 -23.86 -0.53 3.05
CA ARG A 24 -25.06 -1.34 3.10
C ARG A 24 -25.15 -2.16 1.83
N LEU A 25 -24.98 -1.49 0.71
CA LEU A 25 -25.04 -2.16 -0.59
C LEU A 25 -24.03 -3.31 -0.65
N VAL A 26 -22.80 -3.02 -0.24
CA VAL A 26 -21.76 -4.04 -0.27
C VAL A 26 -22.08 -5.17 0.72
N ALA A 27 -22.54 -4.81 1.90
CA ALA A 27 -22.87 -5.83 2.91
C ALA A 27 -23.98 -6.74 2.40
N ASP A 28 -25.03 -6.15 1.85
CA ASP A 28 -26.14 -6.97 1.36
C ASP A 28 -25.66 -7.92 0.29
N PHE A 29 -24.80 -7.42 -0.57
CA PHE A 29 -24.26 -8.23 -1.64
C PHE A 29 -23.40 -9.37 -1.03
N LEU A 30 -22.51 -9.03 -0.10
CA LEU A 30 -21.66 -10.05 0.51
C LEU A 30 -22.50 -11.18 1.09
N LYS A 31 -23.65 -10.84 1.65
CA LYS A 31 -24.53 -11.86 2.21
C LYS A 31 -25.02 -12.84 1.16
N LYS A 32 -25.12 -12.41 -0.09
CA LYS A 32 -25.64 -13.29 -1.14
C LYS A 32 -24.58 -14.08 -1.88
N VAL A 33 -23.33 -13.67 -1.74
CA VAL A 33 -22.20 -14.33 -2.39
C VAL A 33 -22.06 -15.79 -1.93
N PRO A 34 -21.86 -16.72 -2.87
CA PRO A 34 -21.69 -18.13 -2.47
C PRO A 34 -20.42 -18.22 -1.63
N ASP A 35 -20.40 -19.12 -0.64
CA ASP A 35 -19.24 -19.28 0.22
C ASP A 35 -17.92 -19.37 -0.58
N ASP A 36 -17.90 -20.11 -1.68
CA ASP A 36 -16.64 -20.25 -2.40
C ASP A 36 -16.22 -19.07 -3.27
N HIS A 37 -16.94 -17.95 -3.16
CA HIS A 37 -16.59 -16.73 -3.88
C HIS A 37 -16.00 -15.72 -2.88
N LEU A 38 -16.21 -15.99 -1.59
CA LEU A 38 -15.77 -15.04 -0.56
C LEU A 38 -14.30 -14.69 -0.56
N GLU A 39 -13.44 -15.65 -0.90
CA GLU A 39 -12.01 -15.39 -0.87
C GLU A 39 -11.53 -14.37 -1.88
N PHE A 40 -12.30 -14.15 -2.93
CA PHE A 40 -11.89 -13.16 -3.91
C PHE A 40 -12.92 -12.05 -4.11
N ILE A 41 -14.16 -12.24 -3.70
CA ILE A 41 -15.18 -11.23 -3.95
C ILE A 41 -14.87 -9.83 -3.43
N PRO A 42 -14.22 -9.72 -2.27
CA PRO A 42 -13.92 -8.37 -1.78
C PRO A 42 -13.06 -7.60 -2.76
N TYR A 43 -12.10 -8.27 -3.39
CA TYR A 43 -11.25 -7.56 -4.33
C TYR A 43 -12.04 -7.17 -5.56
N LEU A 44 -12.88 -8.06 -6.04
CA LEU A 44 -13.69 -7.74 -7.20
C LEU A 44 -14.63 -6.58 -6.89
N ILE A 45 -15.08 -6.50 -5.65
CA ILE A 45 -15.96 -5.40 -5.25
C ILE A 45 -15.22 -4.08 -5.30
N LEU A 46 -13.92 -4.12 -5.01
CA LEU A 46 -13.05 -2.94 -5.08
C LEU A 46 -12.66 -2.75 -6.55
N GLY A 47 -13.14 -3.63 -7.42
CA GLY A 47 -12.82 -3.55 -8.84
C GLY A 47 -11.41 -4.04 -9.14
N GLU A 48 -10.88 -4.87 -8.25
CA GLU A 48 -9.54 -5.42 -8.40
C GLU A 48 -9.67 -6.92 -8.53
N VAL A 49 -8.70 -7.57 -9.15
CA VAL A 49 -8.78 -9.01 -9.25
C VAL A 49 -8.01 -9.66 -8.13
N PHE A 50 -6.91 -9.02 -7.73
CA PHE A 50 -6.06 -9.57 -6.67
C PHE A 50 -5.72 -8.54 -5.63
N PRO A 51 -5.24 -9.00 -4.46
CA PRO A 51 -4.85 -8.11 -3.38
C PRO A 51 -3.60 -7.37 -3.89
N GLU A 52 -3.32 -6.17 -3.38
CA GLU A 52 -2.15 -5.41 -3.84
C GLU A 52 -0.83 -6.15 -3.67
N TRP A 53 -0.78 -7.07 -2.73
CA TRP A 53 0.45 -7.81 -2.47
C TRP A 53 0.66 -9.04 -3.34
N ASP A 54 -0.27 -9.30 -4.26
CA ASP A 54 -0.16 -10.48 -5.08
C ASP A 54 0.97 -10.68 -6.11
N GLU A 55 1.44 -9.64 -6.76
CA GLU A 55 2.50 -9.81 -7.77
C GLU A 55 1.89 -10.08 -9.13
N ARG A 56 0.80 -10.85 -9.15
CA ARG A 56 0.15 -11.13 -10.42
C ARG A 56 -0.51 -9.87 -10.94
N GLU A 57 -0.53 -9.72 -12.26
CA GLU A 57 -1.20 -8.57 -12.84
C GLU A 57 -1.68 -8.91 -14.22
N LEU A 58 -2.81 -8.33 -14.63
CA LEU A 58 -3.32 -8.58 -15.96
C LEU A 58 -2.39 -7.72 -16.82
N GLY A 59 -1.66 -8.31 -17.74
CA GLY A 59 -0.77 -7.47 -18.52
C GLY A 59 -1.57 -6.91 -19.68
N VAL A 60 -2.72 -6.31 -19.39
CA VAL A 60 -3.60 -5.77 -20.43
C VAL A 60 -3.77 -4.26 -20.47
N GLY A 61 -3.32 -3.64 -21.56
CA GLY A 61 -3.46 -2.21 -21.70
C GLY A 61 -4.72 -1.86 -22.49
N GLU A 62 -5.02 -0.58 -22.62
CA GLU A 62 -6.21 -0.15 -23.36
C GLU A 62 -6.29 -0.77 -24.74
N LYS A 63 -5.19 -0.74 -25.48
CA LYS A 63 -5.18 -1.30 -26.82
C LYS A 63 -5.53 -2.79 -26.83
N LEU A 64 -4.87 -3.56 -26.00
CA LEU A 64 -5.15 -4.99 -25.97
C LEU A 64 -6.61 -5.27 -25.61
N LEU A 65 -7.13 -4.48 -24.67
CA LEU A 65 -8.52 -4.63 -24.22
C LEU A 65 -9.47 -4.38 -25.39
N ILE A 66 -9.25 -3.26 -26.07
CA ILE A 66 -10.04 -2.88 -27.21
C ILE A 66 -9.98 -3.97 -28.28
N LYS A 67 -8.80 -4.55 -28.45
CA LYS A 67 -8.62 -5.60 -29.43
C LYS A 67 -9.49 -6.79 -29.06
N ALA A 68 -9.50 -7.14 -27.78
CA ALA A 68 -10.31 -8.26 -27.33
C ALA A 68 -11.80 -7.96 -27.51
N VAL A 69 -12.22 -6.76 -27.18
CA VAL A 69 -13.63 -6.39 -27.32
C VAL A 69 -14.02 -6.41 -28.79
N ALA A 70 -13.15 -5.88 -29.63
CA ALA A 70 -13.45 -5.84 -31.06
C ALA A 70 -13.64 -7.27 -31.55
N ALA A 72 -14.51 -9.84 -29.77
CA ALA A 72 -15.72 -10.41 -29.18
C ALA A 72 -17.02 -9.86 -29.73
N THR A 73 -17.01 -8.62 -30.21
CA THR A 73 -18.21 -7.96 -30.68
C THR A 73 -18.36 -7.88 -32.18
N GLY A 74 -17.27 -8.04 -32.91
CA GLY A 74 -17.36 -7.95 -34.35
C GLY A 74 -17.26 -6.50 -34.77
N ILE A 75 -17.06 -5.62 -33.79
CA ILE A 75 -16.93 -4.19 -34.04
C ILE A 75 -15.44 -3.82 -34.12
N ASP A 76 -15.08 -3.08 -35.16
CA ASP A 76 -13.70 -2.66 -35.39
C ASP A 76 -13.09 -1.89 -34.21
N ALA A 77 -11.82 -2.16 -33.94
CA ALA A 77 -11.10 -1.48 -32.87
C ALA A 77 -11.17 0.01 -33.14
N LYS A 78 -11.01 0.38 -34.40
CA LYS A 78 -11.05 1.79 -34.78
C LYS A 78 -12.41 2.36 -34.40
N GLU A 79 -13.48 1.61 -34.65
CA GLU A 79 -14.82 2.08 -34.31
C GLU A 79 -14.95 2.30 -32.81
N ILE A 80 -14.41 1.36 -32.04
CA ILE A 80 -14.46 1.46 -30.60
C ILE A 80 -13.68 2.72 -30.20
N GLU A 81 -12.53 2.93 -30.84
CA GLU A 81 -11.68 4.10 -30.59
C GLU A 81 -12.46 5.36 -30.94
N GLU A 82 -13.08 5.37 -32.12
CA GLU A 82 -13.86 6.53 -32.53
C GLU A 82 -15.02 6.77 -31.56
N SER A 83 -15.57 5.69 -30.99
CA SER A 83 -16.65 5.83 -30.03
C SER A 83 -16.20 6.58 -28.77
N VAL A 84 -14.96 6.31 -28.35
CA VAL A 84 -14.40 6.93 -27.15
C VAL A 84 -14.33 8.44 -27.31
N LYS A 85 -14.15 8.90 -28.55
CA LYS A 85 -14.06 10.33 -28.83
C LYS A 85 -15.40 11.00 -28.57
N ASP A 86 -16.49 10.24 -28.73
CA ASP A 86 -17.82 10.78 -28.53
C ASP A 86 -18.36 10.51 -27.14
N THR A 87 -17.90 9.41 -26.56
CA THR A 87 -18.36 9.00 -25.25
C THR A 87 -17.47 9.58 -24.15
N GLY A 88 -16.18 9.74 -24.46
CA GLY A 88 -15.24 10.25 -23.48
C GLY A 88 -14.90 9.20 -22.44
N ASP A 89 -15.38 7.97 -22.65
CA ASP A 89 -15.11 6.88 -21.71
C ASP A 89 -15.03 5.51 -22.39
N LEU A 90 -13.90 4.82 -22.28
CA LEU A 90 -13.73 3.53 -22.93
C LEU A 90 -14.75 2.50 -22.42
N GLY A 91 -14.99 2.51 -21.11
CA GLY A 91 -15.95 1.58 -20.54
C GLY A 91 -17.31 1.70 -21.21
N GLU A 92 -17.80 2.93 -21.33
CA GLU A 92 -19.09 3.19 -21.95
C GLU A 92 -19.10 2.80 -23.42
N SER A 93 -17.97 3.03 -24.09
CA SER A 93 -17.86 2.69 -25.50
C SER A 93 -17.79 1.18 -25.68
N ILE A 94 -17.18 0.50 -24.72
CA ILE A 94 -17.10 -0.95 -24.80
C ILE A 94 -18.50 -1.52 -24.61
N ALA A 95 -19.27 -0.88 -23.72
CA ALA A 95 -20.64 -1.30 -23.46
C ALA A 95 -21.44 -1.18 -24.75
N LEU A 96 -21.18 -0.10 -25.49
CA LEU A 96 -21.87 0.12 -26.76
C LEU A 96 -21.51 -0.94 -27.77
N ALA A 97 -20.23 -1.28 -27.86
CA ALA A 97 -19.79 -2.29 -28.79
C ALA A 97 -20.53 -3.57 -28.47
N VAL A 98 -20.55 -3.93 -27.19
CA VAL A 98 -21.22 -5.15 -26.76
C VAL A 98 -22.72 -5.08 -27.03
N LYS A 99 -23.28 -3.89 -26.91
CA LYS A 99 -24.71 -3.68 -27.14
C LYS A 99 -25.02 -3.91 -28.63
N LYS A 100 -24.11 -3.44 -29.48
CA LYS A 100 -24.25 -3.59 -30.93
C LYS A 100 -24.01 -5.03 -31.36
N LYS A 101 -23.20 -5.76 -30.59
CA LYS A 101 -22.89 -7.15 -30.90
C LYS A 101 -24.16 -7.97 -31.04
N LYS A 102 -25.21 -7.54 -30.36
CA LYS A 102 -26.50 -8.22 -30.38
C LYS A 102 -27.01 -8.51 -31.80
N GLN A 103 -26.68 -7.61 -32.73
CA GLN A 103 -27.11 -7.74 -34.12
C GLN A 103 -26.59 -8.99 -34.82
N LYS A 104 -25.36 -9.40 -34.49
CA LYS A 104 -24.76 -10.57 -35.13
C LYS A 104 -24.72 -11.82 -34.24
N SER A 105 -24.79 -11.63 -32.92
CA SER A 105 -24.78 -12.74 -31.96
C SER A 105 -25.61 -12.33 -30.75
N PHE A 106 -26.92 -12.42 -30.91
CA PHE A 106 -27.92 -12.02 -29.93
C PHE A 106 -27.97 -12.64 -28.53
N PHE A 107 -27.79 -13.96 -28.42
CA PHE A 107 -27.86 -14.61 -27.11
C PHE A 107 -26.51 -14.83 -26.44
N SER A 108 -26.45 -14.45 -25.17
CA SER A 108 -25.24 -14.62 -24.38
C SER A 108 -25.42 -15.83 -23.49
N GLN A 109 -24.32 -16.45 -23.09
CA GLN A 109 -24.34 -17.54 -22.11
C GLN A 109 -23.96 -16.65 -20.94
N PRO A 110 -24.91 -16.34 -20.05
CA PRO A 110 -24.74 -15.47 -18.89
C PRO A 110 -23.47 -15.68 -18.09
N LEU A 111 -22.73 -14.59 -17.98
CA LEU A 111 -21.47 -14.61 -17.27
C LEU A 111 -21.67 -14.87 -15.82
N THR A 112 -20.84 -15.74 -15.27
CA THR A 112 -20.91 -15.99 -13.84
C THR A 112 -19.73 -15.24 -13.24
N ILE A 113 -19.83 -14.88 -11.98
CA ILE A 113 -18.71 -14.22 -11.34
C ILE A 113 -17.53 -15.17 -11.39
N LYS A 114 -17.79 -16.46 -11.16
CA LYS A 114 -16.75 -17.47 -11.21
C LYS A 114 -15.99 -17.46 -12.53
N ARG A 115 -16.74 -17.41 -13.64
CA ARG A 115 -16.09 -17.42 -14.94
C ARG A 115 -15.26 -16.17 -15.16
N VAL A 116 -15.78 -15.03 -14.73
CA VAL A 116 -15.05 -13.80 -14.92
C VAL A 116 -13.76 -13.84 -14.10
N TYR A 117 -13.91 -14.23 -12.85
CA TYR A 117 -12.75 -14.26 -11.98
C TYR A 117 -11.72 -15.26 -12.50
N GLN A 118 -12.15 -16.48 -12.78
CA GLN A 118 -11.20 -17.47 -13.29
C GLN A 118 -10.53 -17.01 -14.58
N THR A 119 -11.25 -16.29 -15.42
CA THR A 119 -10.67 -15.79 -16.66
C THR A 119 -9.61 -14.74 -16.38
N LEU A 120 -9.95 -13.79 -15.52
CA LEU A 120 -9.00 -12.74 -15.22
C LEU A 120 -7.73 -13.34 -14.62
N VAL A 121 -7.91 -14.33 -13.77
CA VAL A 121 -6.74 -14.96 -13.15
C VAL A 121 -5.89 -15.62 -14.25
N LYS A 122 -6.53 -16.33 -15.18
CA LYS A 122 -5.80 -16.98 -16.24
C LYS A 122 -5.06 -15.96 -17.08
N VAL A 123 -5.71 -14.82 -17.32
CA VAL A 123 -5.10 -13.75 -18.10
C VAL A 123 -3.82 -13.27 -17.42
N ALA A 124 -3.94 -13.00 -16.13
CA ALA A 124 -2.79 -12.53 -15.39
C ALA A 124 -1.66 -13.56 -15.39
N GLU A 125 -2.01 -14.84 -15.34
CA GLU A 125 -0.99 -15.89 -15.31
C GLU A 125 -0.44 -16.26 -16.68
N THR A 126 -0.99 -15.67 -17.73
CA THR A 126 -0.54 -15.93 -19.09
C THR A 126 0.55 -14.91 -19.41
N THR A 127 1.80 -15.33 -19.27
CA THR A 127 2.93 -14.44 -19.55
C THR A 127 3.99 -15.12 -20.41
N GLY A 128 3.76 -16.38 -20.76
CA GLY A 128 4.70 -17.14 -21.58
C GLY A 128 5.21 -16.51 -22.86
N GLU A 129 5.12 -17.26 -23.95
CA GLU A 129 5.57 -16.79 -25.26
C GLU A 129 4.64 -15.72 -25.79
N GLY A 130 3.61 -16.13 -26.52
CA GLY A 130 2.66 -15.18 -27.06
C GLY A 130 1.56 -14.86 -26.05
N SER A 131 1.98 -14.46 -24.85
CA SER A 131 1.02 -14.13 -23.79
C SER A 131 -0.04 -13.14 -24.24
N GLN A 132 0.38 -12.09 -24.96
CA GLN A 132 -0.56 -11.07 -25.40
C GLN A 132 -1.75 -11.59 -26.19
N ASP A 133 -1.50 -12.45 -27.20
CA ASP A 133 -2.57 -13.01 -28.01
C ASP A 133 -3.48 -13.91 -27.17
N LYS A 134 -2.89 -14.63 -26.23
CA LYS A 134 -3.64 -15.52 -25.37
C LYS A 134 -4.56 -14.67 -24.49
N LYS A 135 -4.01 -13.59 -23.94
CA LYS A 135 -4.81 -12.71 -23.10
C LYS A 135 -5.97 -12.12 -23.90
N VAL A 136 -5.69 -11.70 -25.13
CA VAL A 136 -6.76 -11.13 -25.95
C VAL A 136 -7.88 -12.17 -26.12
N LYS A 137 -7.50 -13.40 -26.41
CA LYS A 137 -8.48 -14.48 -26.61
C LYS A 137 -9.32 -14.79 -25.37
N TYR A 138 -8.68 -14.85 -24.22
CA TYR A 138 -9.39 -15.13 -22.98
C TYR A 138 -10.40 -14.03 -22.71
N LEU A 139 -9.97 -12.78 -22.91
CA LEU A 139 -10.84 -11.66 -22.68
C LEU A 139 -11.94 -11.63 -23.72
N ALA A 140 -11.60 -11.94 -24.97
CA ALA A 140 -12.63 -11.93 -25.99
C ALA A 140 -13.72 -12.97 -25.63
N ASP A 141 -13.29 -14.13 -25.17
CA ASP A 141 -14.23 -15.21 -24.78
C ASP A 141 -15.23 -14.66 -23.76
N LEU A 142 -14.73 -13.83 -22.86
CA LEU A 142 -15.55 -13.26 -21.84
C LEU A 142 -16.49 -12.17 -22.36
N PHE A 143 -15.96 -11.22 -23.12
CA PHE A 143 -16.80 -10.14 -23.58
C PHE A 143 -17.88 -10.64 -24.55
N ASP A 145 -19.91 -12.92 -24.16
CA ASP A 145 -21.13 -13.22 -23.42
C ASP A 145 -21.58 -12.13 -22.46
N ALA A 146 -20.92 -10.99 -22.53
CA ALA A 146 -21.26 -9.91 -21.64
C ALA A 146 -22.43 -9.06 -22.11
N GLU A 147 -23.17 -8.56 -21.13
CA GLU A 147 -24.26 -7.64 -21.40
C GLU A 147 -23.50 -6.32 -21.34
N PRO A 148 -24.05 -5.27 -21.97
CA PRO A 148 -23.39 -3.96 -21.99
C PRO A 148 -22.93 -3.49 -20.61
N LEU A 149 -23.82 -3.53 -19.63
CA LEU A 149 -23.47 -3.06 -18.29
C LEU A 149 -22.27 -3.85 -17.77
N GLU A 150 -22.31 -5.16 -17.95
CA GLU A 150 -21.22 -6.00 -17.48
C GLU A 150 -19.91 -5.64 -18.15
N ALA A 151 -19.97 -5.45 -19.47
CA ALA A 151 -18.79 -5.13 -20.25
C ALA A 151 -18.09 -3.86 -19.79
N LYS A 152 -18.88 -2.87 -19.43
CA LYS A 152 -18.33 -1.61 -18.94
C LYS A 152 -17.52 -1.88 -17.68
N TYR A 153 -18.08 -2.63 -16.75
CA TYR A 153 -17.33 -2.89 -15.52
C TYR A 153 -16.19 -3.87 -15.70
N LEU A 154 -16.35 -4.84 -16.60
CA LEU A 154 -15.28 -5.79 -16.85
C LEU A 154 -14.09 -4.99 -17.39
N ALA A 155 -14.40 -4.07 -18.30
CA ALA A 155 -13.35 -3.25 -18.91
C ALA A 155 -12.61 -2.45 -17.85
N ARG A 156 -13.35 -1.72 -17.03
CA ARG A 156 -12.70 -0.91 -15.99
C ARG A 156 -11.93 -1.77 -15.01
N THR A 157 -12.46 -2.95 -14.75
CA THR A 157 -11.80 -3.87 -13.83
C THR A 157 -10.47 -4.27 -14.43
N ILE A 158 -10.48 -4.63 -15.72
CA ILE A 158 -9.25 -5.03 -16.37
C ILE A 158 -8.22 -3.89 -16.40
N LEU A 159 -8.68 -2.66 -16.61
CA LEU A 159 -7.81 -1.48 -16.67
C LEU A 159 -7.45 -0.91 -15.32
N GLY A 160 -8.15 -1.36 -14.27
CA GLY A 160 -7.89 -0.86 -12.94
C GLY A 160 -8.45 0.52 -12.73
N THR A 161 -9.46 0.88 -13.53
CA THR A 161 -10.06 2.20 -13.46
C THR A 161 -11.43 2.26 -12.80
N ARG A 163 -14.30 3.03 -10.40
CA ARG A 163 -14.50 4.18 -9.54
C ARG A 163 -15.60 3.98 -8.50
N THR A 164 -15.67 2.82 -7.85
CA THR A 164 -16.68 2.62 -6.83
C THR A 164 -16.03 3.30 -5.64
N GLY A 165 -16.78 4.03 -4.85
CA GLY A 165 -16.16 4.71 -3.73
C GLY A 165 -15.92 3.79 -2.55
N VAL A 166 -15.58 2.53 -2.82
CA VAL A 166 -15.35 1.59 -1.74
C VAL A 166 -13.89 1.48 -1.35
N ALA A 167 -13.59 1.91 -0.14
CA ALA A 167 -12.21 1.85 0.35
C ALA A 167 -12.11 0.73 1.37
N GLU A 168 -10.89 0.45 1.81
CA GLU A 168 -10.67 -0.61 2.78
C GLU A 168 -11.55 -0.43 4.01
N GLY A 169 -11.71 0.82 4.46
CA GLY A 169 -12.53 1.08 5.62
C GLY A 169 -13.96 0.62 5.42
N LEU A 170 -14.52 0.99 4.28
CA LEU A 170 -15.89 0.62 3.97
C LEU A 170 -16.01 -0.89 3.78
N LEU A 171 -15.02 -1.50 3.14
CA LEU A 171 -15.08 -2.94 2.94
C LEU A 171 -15.03 -3.65 4.31
N ARG A 172 -14.17 -3.16 5.19
CA ARG A 172 -14.11 -3.74 6.52
C ARG A 172 -15.50 -3.62 7.18
N ASP A 173 -16.09 -2.44 7.10
CA ASP A 173 -17.41 -2.22 7.71
C ASP A 173 -18.47 -3.09 7.08
N ALA A 174 -18.36 -3.29 5.78
CA ALA A 174 -19.33 -4.10 5.04
C ALA A 174 -19.28 -5.55 5.46
N ILE A 175 -18.08 -6.05 5.65
CA ILE A 175 -17.93 -7.43 6.08
C ILE A 175 -18.52 -7.60 7.47
N ALA A 176 -18.20 -6.68 8.36
CA ALA A 176 -18.72 -6.73 9.71
C ALA A 176 -20.26 -6.71 9.67
N ALA A 178 -22.31 -7.40 7.02
CA ALA A 178 -22.87 -8.54 6.31
C ALA A 178 -22.96 -9.81 7.14
N PHE A 179 -21.93 -10.08 7.93
CA PHE A 179 -21.91 -11.31 8.70
C PHE A 179 -22.08 -11.17 10.18
N HIS A 180 -22.59 -10.01 10.58
CA HIS A 180 -22.86 -9.70 11.97
C HIS A 180 -21.67 -10.05 12.86
N VAL A 181 -20.51 -9.50 12.52
CA VAL A 181 -19.31 -9.72 13.31
C VAL A 181 -18.75 -8.36 13.71
N LYS A 182 -17.96 -8.35 14.77
CA LYS A 182 -17.36 -7.14 15.28
C LYS A 182 -16.36 -6.56 14.31
N VAL A 183 -16.55 -5.30 13.97
CA VAL A 183 -15.68 -4.61 13.05
C VAL A 183 -14.24 -4.66 13.58
N GLU A 184 -14.05 -4.66 14.91
CA GLU A 184 -12.69 -4.72 15.46
C GLU A 184 -12.04 -6.05 15.11
N LEU A 185 -12.82 -7.12 15.10
CA LEU A 185 -12.25 -8.41 14.77
C LEU A 185 -12.00 -8.53 13.28
N VAL A 186 -12.82 -7.86 12.47
CA VAL A 186 -12.60 -7.90 11.04
C VAL A 186 -11.27 -7.18 10.82
N GLU A 187 -11.12 -6.05 11.49
CA GLU A 187 -9.90 -5.29 11.36
C GLU A 187 -8.68 -6.06 11.86
N ARG A 188 -8.81 -6.71 13.01
CA ARG A 188 -7.70 -7.46 13.56
C ARG A 188 -7.23 -8.50 12.54
N ALA A 189 -8.19 -9.23 11.99
CA ALA A 189 -7.85 -10.28 11.04
C ALA A 189 -7.25 -9.69 9.77
N TYR A 190 -7.75 -8.52 9.37
CA TYR A 190 -7.23 -7.90 8.17
C TYR A 190 -5.80 -7.41 8.43
N LEU A 192 -3.68 -8.74 10.28
CA LEU A 192 -2.83 -9.90 10.33
C LEU A 192 -2.56 -10.54 8.99
N THR A 193 -3.52 -10.47 8.07
CA THR A 193 -3.38 -11.15 6.79
C THR A 193 -3.48 -10.28 5.54
N SER A 194 -3.93 -9.05 5.69
CA SER A 194 -4.08 -8.13 4.58
C SER A 194 -4.94 -8.75 3.51
N ASP A 195 -5.77 -9.71 3.90
CA ASP A 195 -6.59 -10.43 2.94
C ASP A 195 -8.07 -10.34 3.25
N PHE A 196 -8.76 -9.41 2.61
CA PHE A 196 -10.19 -9.26 2.85
C PHE A 196 -10.99 -10.48 2.47
N GLY A 197 -10.52 -11.25 1.50
CA GLY A 197 -11.27 -12.43 1.08
C GLY A 197 -11.22 -13.46 2.20
N TYR A 198 -10.02 -13.66 2.70
CA TYR A 198 -9.78 -14.59 3.79
C TYR A 198 -10.61 -14.21 5.00
N VAL A 199 -10.57 -12.92 5.35
CA VAL A 199 -11.31 -12.39 6.49
C VAL A 199 -12.81 -12.56 6.30
N ALA A 200 -13.32 -12.22 5.13
CA ALA A 200 -14.76 -12.34 4.89
C ALA A 200 -15.24 -13.77 5.02
N LYS A 201 -14.46 -14.70 4.47
CA LYS A 201 -14.82 -16.12 4.52
C LYS A 201 -14.95 -16.60 5.97
N ILE A 202 -13.94 -16.27 6.77
CA ILE A 202 -13.92 -16.66 8.16
C ILE A 202 -15.05 -15.96 8.89
N ALA A 203 -15.25 -14.69 8.59
CA ALA A 203 -16.30 -13.93 9.24
C ALA A 203 -17.64 -14.63 9.04
N LYS A 204 -17.90 -15.01 7.81
CA LYS A 204 -19.18 -15.64 7.50
C LYS A 204 -19.35 -17.03 8.10
N LEU A 205 -18.35 -17.87 7.91
CA LEU A 205 -18.42 -19.25 8.39
C LEU A 205 -18.17 -19.45 9.89
N GLU A 206 -17.27 -18.65 10.46
CA GLU A 206 -16.92 -18.79 11.87
C GLU A 206 -17.26 -17.65 12.78
N GLY A 207 -17.74 -16.55 12.21
CA GLY A 207 -18.13 -15.42 13.02
C GLY A 207 -17.00 -14.85 13.84
N ASN A 208 -17.35 -14.24 14.96
CA ASN A 208 -16.37 -13.63 15.85
C ASN A 208 -15.31 -14.57 16.38
N GLU A 209 -15.72 -15.77 16.81
CA GLU A 209 -14.76 -16.73 17.34
C GLU A 209 -13.71 -17.03 16.29
N GLY A 210 -14.16 -17.20 15.05
CA GLY A 210 -13.22 -17.49 13.99
C GLY A 210 -12.26 -16.33 13.76
N LEU A 211 -12.79 -15.12 13.72
CA LEU A 211 -11.96 -13.95 13.46
C LEU A 211 -10.96 -13.77 14.58
N ALA A 212 -11.38 -14.04 15.81
CA ALA A 212 -10.49 -13.90 16.96
C ALA A 212 -9.34 -14.89 16.92
N LYS A 213 -9.55 -16.04 16.28
CA LYS A 213 -8.54 -17.07 16.16
C LYS A 213 -7.62 -16.90 14.97
N VAL A 214 -7.93 -15.96 14.09
CA VAL A 214 -7.10 -15.76 12.92
C VAL A 214 -5.67 -15.51 13.32
N GLN A 215 -4.75 -16.19 12.64
CA GLN A 215 -3.33 -16.00 12.90
C GLN A 215 -2.68 -15.65 11.59
N VAL A 216 -1.45 -15.15 11.67
CA VAL A 216 -0.76 -14.81 10.46
C VAL A 216 -0.68 -16.05 9.59
N GLN A 217 -0.71 -15.83 8.29
CA GLN A 217 -0.67 -16.90 7.33
C GLN A 217 0.58 -16.68 6.50
N LEU A 218 1.48 -17.66 6.53
CA LEU A 218 2.68 -17.55 5.74
C LEU A 218 2.30 -17.23 4.29
N GLY A 219 2.95 -16.20 3.76
CA GLY A 219 2.70 -15.78 2.41
C GLY A 219 1.81 -14.56 2.32
N LYS A 220 0.98 -14.29 3.33
CA LYS A 220 0.08 -13.15 3.35
C LYS A 220 0.75 -12.10 4.22
N PRO A 221 0.95 -10.90 3.69
CA PRO A 221 1.63 -9.93 4.53
C PRO A 221 0.89 -9.44 5.76
N ILE A 222 1.68 -9.14 6.78
CA ILE A 222 1.20 -8.63 8.04
C ILE A 222 1.36 -7.12 7.97
N LYS A 223 0.35 -6.37 8.36
CA LYS A 223 0.49 -4.93 8.32
C LYS A 223 1.51 -4.57 9.36
N PRO A 224 2.51 -3.79 8.97
CA PRO A 224 3.54 -3.46 9.95
C PRO A 224 3.16 -2.62 11.13
N LEU A 226 3.85 0.16 13.68
CA LEU A 226 4.47 1.44 13.46
C LEU A 226 4.96 2.04 14.75
N ALA A 227 5.48 3.25 14.68
CA ALA A 227 6.04 3.87 15.89
C ALA A 227 5.70 5.34 16.04
N GLN A 228 5.61 5.78 17.29
CA GLN A 228 5.37 7.19 17.56
C GLN A 228 6.75 7.81 17.78
N GLN A 229 6.87 9.13 17.74
CA GLN A 229 8.17 9.74 17.94
C GLN A 229 8.32 10.27 19.33
N ALA A 230 9.47 10.02 19.96
CA ALA A 230 9.67 10.54 21.29
C ALA A 230 10.58 11.73 21.15
N ALA A 231 10.51 12.66 22.10
CA ALA A 231 11.36 13.85 22.07
C ALA A 231 12.84 13.57 22.29
N SER A 232 13.15 12.49 22.98
CA SER A 232 14.55 12.22 23.29
C SER A 232 14.70 10.80 23.78
N ILE A 233 15.94 10.36 23.88
CA ILE A 233 16.23 9.02 24.40
C ILE A 233 15.65 8.98 25.82
N ARG A 234 15.94 10.02 26.60
CA ARG A 234 15.44 10.07 27.96
C ARG A 234 13.92 9.88 28.03
N ASP A 235 13.17 10.59 27.19
CA ASP A 235 11.72 10.49 27.15
C ASP A 235 11.28 9.08 26.74
N ALA A 236 12.00 8.51 25.79
CA ALA A 236 11.64 7.17 25.35
C ALA A 236 11.80 6.17 26.50
N LEU A 237 12.92 6.23 27.21
CA LEU A 237 13.15 5.29 28.30
C LEU A 237 12.09 5.46 29.37
N LEU A 238 11.69 6.71 29.61
CA LEU A 238 10.68 7.00 30.61
C LEU A 238 9.37 6.31 30.20
N GLU A 239 8.97 6.51 28.95
CA GLU A 239 7.74 5.93 28.43
C GLU A 239 7.71 4.40 28.49
N GLY A 241 9.12 2.61 30.76
CA GLY A 241 9.12 2.05 32.10
C GLY A 241 10.52 1.99 32.70
N GLY A 242 11.49 2.62 32.03
CA GLY A 242 12.86 2.63 32.54
C GLY A 242 13.86 1.68 31.91
N GLU A 243 13.39 0.78 31.05
CA GLU A 243 14.28 -0.15 30.40
C GLU A 243 13.70 -0.33 29.01
N ALA A 244 14.57 -0.56 28.05
CA ALA A 244 14.08 -0.75 26.70
C ALA A 244 15.14 -1.32 25.79
N GLU A 245 14.66 -1.89 24.70
CA GLU A 245 15.51 -2.41 23.67
C GLU A 245 15.74 -1.16 22.81
N PHE A 246 17.00 -0.85 22.50
CA PHE A 246 17.27 0.25 21.56
C PHE A 246 17.91 -0.39 20.33
N GLU A 247 17.64 0.19 19.16
CA GLU A 247 18.19 -0.31 17.91
C GLU A 247 18.42 0.87 17.03
N ILE A 248 19.38 0.73 16.15
CA ILE A 248 19.68 1.78 15.22
C ILE A 248 18.43 1.88 14.36
N LYS A 249 18.01 3.11 14.07
CA LYS A 249 16.88 3.30 13.18
C LYS A 249 17.52 3.51 11.82
N TYR A 250 17.54 2.44 11.03
CA TYR A 250 18.12 2.44 9.70
C TYR A 250 17.30 3.23 8.71
N ASP A 251 18.00 3.97 7.85
CA ASP A 251 17.34 4.79 6.86
C ASP A 251 17.33 4.09 5.51
N GLY A 252 16.27 3.33 5.23
CA GLY A 252 16.19 2.62 3.96
C GLY A 252 14.73 2.42 3.61
N ALA A 253 14.36 1.18 3.30
CA ALA A 253 12.95 0.93 3.01
C ALA A 253 12.63 -0.32 3.81
N ARG A 254 11.50 -0.29 4.47
CA ARG A 254 11.11 -1.41 5.31
C ARG A 254 10.57 -2.55 4.47
N VAL A 255 11.00 -3.76 4.77
CA VAL A 255 10.53 -4.92 4.04
C VAL A 255 10.15 -6.04 4.98
N GLN A 256 9.29 -6.91 4.49
CA GLN A 256 8.84 -8.04 5.28
C GLN A 256 9.14 -9.25 4.42
N VAL A 257 9.79 -10.23 5.02
CA VAL A 257 10.20 -11.43 4.30
C VAL A 257 9.47 -12.69 4.74
N HIS A 258 8.90 -13.41 3.77
CA HIS A 258 8.24 -14.65 4.09
C HIS A 258 9.06 -15.73 3.42
N LYS A 259 9.41 -16.71 4.23
CA LYS A 259 10.21 -17.84 3.81
C LYS A 259 9.48 -19.15 4.03
N ASP A 260 9.41 -19.97 2.99
CA ASP A 260 8.80 -21.28 3.10
C ASP A 260 9.75 -22.21 2.33
N GLY A 261 10.62 -22.89 3.06
CA GLY A 261 11.61 -23.72 2.40
C GLY A 261 12.58 -22.73 1.77
N SER A 262 12.85 -22.90 0.49
CA SER A 262 13.74 -22.02 -0.22
C SER A 262 12.94 -20.93 -0.91
N LYS A 263 11.62 -20.94 -0.74
CA LYS A 263 10.79 -19.92 -1.38
C LYS A 263 10.73 -18.69 -0.49
N ILE A 264 11.05 -17.55 -1.09
CA ILE A 264 11.09 -16.25 -0.43
C ILE A 264 10.21 -15.23 -1.12
N ILE A 265 9.46 -14.46 -0.33
CA ILE A 265 8.66 -13.38 -0.84
C ILE A 265 9.07 -12.20 0.03
N VAL A 266 9.32 -11.07 -0.59
CA VAL A 266 9.67 -9.88 0.16
C VAL A 266 8.63 -8.84 -0.19
N TYR A 267 8.02 -8.26 0.84
CA TYR A 267 7.01 -7.23 0.64
C TYR A 267 7.58 -5.91 1.10
N SER A 268 7.21 -4.84 0.40
CA SER A 268 7.66 -3.50 0.79
C SER A 268 6.69 -2.97 1.83
N ARG A 269 6.92 -1.73 2.26
CA ARG A 269 6.05 -1.10 3.26
C ARG A 269 4.58 -1.08 2.80
N ARG A 270 4.32 -0.84 1.51
CA ARG A 270 2.94 -0.83 0.99
C ARG A 270 2.48 -2.25 0.61
N LEU A 271 3.27 -3.23 1.02
CA LEU A 271 3.00 -4.62 0.77
C LEU A 271 3.05 -5.04 -0.68
N GLU A 272 3.78 -4.28 -1.48
CA GLU A 272 3.99 -4.66 -2.86
C GLU A 272 4.99 -5.81 -2.76
N ASN A 273 4.79 -6.82 -3.59
CA ASN A 273 5.70 -7.95 -3.62
C ASN A 273 6.89 -7.45 -4.44
N VAL A 274 8.00 -7.12 -3.78
CA VAL A 274 9.17 -6.60 -4.48
C VAL A 274 10.29 -7.61 -4.58
N THR A 275 9.97 -8.88 -4.34
CA THR A 275 10.96 -9.96 -4.40
C THR A 275 11.85 -9.90 -5.64
N ARG A 276 11.23 -9.68 -6.79
CA ARG A 276 11.93 -9.65 -8.06
C ARG A 276 12.93 -8.50 -8.19
N ALA A 277 12.73 -7.43 -7.41
CA ALA A 277 13.65 -6.31 -7.50
C ALA A 277 14.97 -6.55 -6.79
N ILE A 278 14.98 -7.48 -5.85
CA ILE A 278 16.18 -7.71 -5.04
C ILE A 278 16.64 -9.16 -4.98
N PRO A 279 16.98 -9.71 -6.14
CA PRO A 279 17.44 -11.09 -6.26
C PRO A 279 18.59 -11.42 -5.30
N GLU A 280 19.56 -10.52 -5.16
CA GLU A 280 20.71 -10.79 -4.29
C GLU A 280 20.33 -10.90 -2.84
N ILE A 281 19.34 -10.10 -2.46
CA ILE A 281 18.87 -10.12 -1.09
C ILE A 281 18.11 -11.43 -0.89
N VAL A 282 17.29 -11.81 -1.87
CA VAL A 282 16.55 -13.05 -1.74
C VAL A 282 17.51 -14.23 -1.55
N GLU A 283 18.56 -14.26 -2.36
CA GLU A 283 19.52 -15.34 -2.25
C GLU A 283 20.16 -15.33 -0.88
N ALA A 284 20.54 -14.15 -0.43
CA ALA A 284 21.17 -14.01 0.88
C ALA A 284 20.23 -14.49 1.98
N LEU A 285 18.95 -14.18 1.84
CA LEU A 285 17.93 -14.61 2.81
C LEU A 285 17.74 -16.13 2.89
N LYS A 286 17.77 -16.79 1.75
CA LYS A 286 17.64 -18.24 1.74
C LYS A 286 18.73 -18.84 2.63
N GLU A 287 19.90 -18.19 2.62
CA GLU A 287 21.03 -18.66 3.40
C GLU A 287 20.98 -18.18 4.85
N ALA A 288 20.70 -16.90 5.02
CA ALA A 288 20.68 -16.30 6.35
C ALA A 288 19.59 -16.82 7.29
N ILE A 289 18.40 -17.07 6.75
CA ILE A 289 17.32 -17.57 7.59
C ILE A 289 17.42 -19.08 7.79
N ILE A 290 17.74 -19.49 9.00
CA ILE A 290 17.91 -20.90 9.31
C ILE A 290 16.67 -21.76 9.26
N PRO A 291 15.59 -21.37 9.93
CA PRO A 291 14.36 -22.17 9.91
C PRO A 291 13.74 -22.30 8.52
N GLU A 292 13.05 -23.41 8.29
CA GLU A 292 12.43 -23.67 7.02
C GLU A 292 11.40 -22.63 6.68
N LYS A 293 10.59 -22.29 7.68
CA LYS A 293 9.53 -21.31 7.50
C LYS A 293 9.71 -20.15 8.45
N ALA A 294 9.52 -18.94 7.95
CA ALA A 294 9.64 -17.80 8.84
C ALA A 294 9.13 -16.53 8.20
N ILE A 295 8.75 -15.59 9.06
CA ILE A 295 8.37 -14.28 8.54
C ILE A 295 9.24 -13.35 9.40
N VAL A 296 10.02 -12.48 8.75
CA VAL A 296 10.84 -11.54 9.51
C VAL A 296 10.75 -10.23 8.79
N GLU A 297 11.12 -9.14 9.45
CA GLU A 297 11.10 -7.87 8.75
C GLU A 297 12.33 -7.08 9.14
N GLY A 298 12.69 -6.12 8.30
CA GLY A 298 13.86 -5.34 8.59
C GLY A 298 13.86 -4.14 7.71
N GLU A 299 14.93 -3.35 7.82
CA GLU A 299 15.09 -2.16 7.01
C GLU A 299 16.15 -2.46 5.95
N LEU A 300 15.75 -2.29 4.69
CA LEU A 300 16.63 -2.57 3.58
C LEU A 300 17.30 -1.25 3.31
N VAL A 301 18.64 -1.26 3.33
CA VAL A 301 19.45 -0.05 3.21
C VAL A 301 20.42 -0.11 2.05
N ALA A 302 20.58 1.00 1.36
CA ALA A 302 21.52 1.08 0.26
C ALA A 302 22.89 1.42 0.87
N ILE A 303 23.94 0.75 0.42
CA ILE A 303 25.29 0.97 0.96
C ILE A 303 26.23 1.58 -0.07
N GLY A 304 26.88 2.67 0.31
CA GLY A 304 27.80 3.36 -0.59
C GLY A 304 29.17 2.72 -0.67
N GLU A 305 30.05 3.22 -1.53
CA GLU A 305 31.37 2.62 -1.68
C GLU A 305 32.22 2.76 -0.42
N ASN A 306 31.93 3.78 0.39
CA ASN A 306 32.66 3.99 1.64
C ASN A 306 32.01 3.21 2.79
N GLY A 307 31.08 2.33 2.44
CA GLY A 307 30.40 1.51 3.44
C GLY A 307 29.29 2.16 4.23
N ARG A 308 29.15 3.47 4.10
CA ARG A 308 28.11 4.18 4.84
C ARG A 308 26.78 4.08 4.10
N PRO A 309 25.67 4.32 4.80
CA PRO A 309 24.37 4.25 4.13
C PRO A 309 24.20 5.32 3.07
N LEU A 310 23.59 4.93 1.96
CA LEU A 310 23.28 5.86 0.88
C LEU A 310 21.86 6.32 1.20
N PRO A 311 21.42 7.44 0.61
CA PRO A 311 20.08 7.97 0.84
C PRO A 311 19.05 6.86 0.61
N PHE A 312 17.97 6.87 1.37
CA PHE A 312 16.97 5.81 1.21
C PHE A 312 16.34 5.79 -0.16
N GLN A 313 16.42 6.93 -0.86
CA GLN A 313 15.85 7.00 -2.18
C GLN A 313 16.44 5.92 -3.06
N TYR A 314 17.69 5.57 -2.81
CA TYR A 314 18.36 4.55 -3.61
C TYR A 314 17.71 3.19 -3.49
N VAL A 315 17.16 2.92 -2.30
CA VAL A 315 16.48 1.66 -2.09
C VAL A 315 15.18 1.69 -2.86
N LEU A 316 14.46 2.80 -2.79
CA LEU A 316 13.19 2.87 -3.53
C LEU A 316 13.45 2.76 -5.02
N ARG A 317 14.60 3.26 -5.46
CA ARG A 317 14.97 3.15 -6.88
C ARG A 317 15.02 1.68 -7.24
N ARG A 318 15.65 0.89 -6.38
CA ARG A 318 15.79 -0.55 -6.62
C ARG A 318 14.43 -1.22 -6.77
N PHE A 319 13.45 -0.79 -5.97
CA PHE A 319 12.11 -1.37 -6.05
C PHE A 319 11.39 -1.12 -7.37
N ARG A 320 11.60 0.05 -7.95
CA ARG A 320 10.92 0.42 -9.19
C ARG A 320 11.41 -0.34 -10.41
N ARG A 321 12.61 -0.90 -10.32
CA ARG A 321 13.19 -1.64 -11.43
C ARG A 321 13.00 -0.88 -12.73
N LYS A 322 13.61 0.30 -12.82
CA LYS A 322 13.50 1.13 -14.02
C LYS A 322 14.73 0.81 -14.85
N HIS A 323 15.79 0.38 -14.16
CA HIS A 323 17.05 0.01 -14.79
C HIS A 323 17.11 -1.50 -14.60
N ASN A 324 17.95 -2.20 -15.35
CA ASN A 324 18.03 -3.65 -15.20
C ASN A 324 18.63 -4.02 -13.85
N ILE A 325 17.93 -4.90 -13.14
CA ILE A 325 18.37 -5.33 -11.82
C ILE A 325 19.86 -5.64 -11.82
N GLU A 326 20.36 -6.10 -12.97
CA GLU A 326 21.78 -6.40 -13.10
C GLU A 326 22.66 -5.19 -12.79
N GLU A 327 22.43 -4.11 -13.51
CA GLU A 327 23.21 -2.88 -13.33
C GLU A 327 23.01 -2.25 -11.96
N GLU A 330 24.85 -3.60 -8.96
CA GLU A 330 26.21 -3.11 -8.99
C GLU A 330 26.21 -1.68 -8.47
N LYS A 331 25.34 -0.85 -9.06
CA LYS A 331 25.23 0.56 -8.71
C LYS A 331 24.61 0.83 -7.35
N ILE A 332 23.70 -0.03 -6.90
CA ILE A 332 23.07 0.19 -5.61
C ILE A 332 23.04 -1.05 -4.72
N PRO A 333 24.17 -1.35 -4.08
CA PRO A 333 24.30 -2.50 -3.19
C PRO A 333 23.38 -2.28 -2.00
N LEU A 334 22.82 -3.36 -1.51
CA LEU A 334 21.87 -3.29 -0.39
C LEU A 334 22.25 -4.20 0.74
N GLU A 335 21.73 -3.89 1.92
CA GLU A 335 21.95 -4.76 3.08
C GLU A 335 20.63 -4.72 3.81
N LEU A 336 20.20 -5.86 4.35
CA LEU A 336 18.94 -5.90 5.04
C LEU A 336 19.18 -6.06 6.51
N ASN A 337 18.73 -5.08 7.27
CA ASN A 337 18.91 -5.12 8.70
C ASN A 337 17.61 -5.60 9.34
N LEU A 338 17.57 -6.89 9.67
CA LEU A 338 16.35 -7.47 10.24
C LEU A 338 16.17 -7.03 11.66
N PHE A 339 14.93 -6.75 12.00
CA PHE A 339 14.67 -6.30 13.35
C PHE A 339 13.48 -6.98 14.01
N ASP A 340 12.78 -7.85 13.29
CA ASP A 340 11.70 -8.59 13.93
C ASP A 340 11.43 -9.91 13.24
N VAL A 341 10.81 -10.83 13.98
CA VAL A 341 10.44 -12.15 13.47
C VAL A 341 9.01 -12.34 13.95
N LEU A 342 8.11 -12.58 13.02
CA LEU A 342 6.70 -12.67 13.37
C LEU A 342 6.11 -14.05 13.30
N TYR A 343 6.91 -14.98 12.81
CA TYR A 343 6.44 -16.35 12.62
C TYR A 343 7.63 -17.23 12.32
N VAL A 344 7.66 -18.43 12.90
CA VAL A 344 8.74 -19.37 12.66
C VAL A 344 8.14 -20.76 12.69
N ASP A 345 8.36 -21.50 11.62
CA ASP A 345 7.89 -22.87 11.52
C ASP A 345 6.53 -23.15 12.10
N GLY A 346 5.51 -22.55 11.50
CA GLY A 346 4.13 -22.77 11.91
C GLY A 346 3.66 -22.10 13.17
N GLN A 347 4.55 -21.33 13.78
CA GLN A 347 4.22 -20.68 15.04
C GLN A 347 4.20 -19.18 14.88
N SER A 348 3.05 -18.56 15.14
CA SER A 348 2.98 -17.10 15.07
C SER A 348 3.65 -16.54 16.31
N LEU A 349 4.43 -15.47 16.15
CA LEU A 349 5.09 -14.85 17.29
C LEU A 349 4.45 -13.48 17.51
N ILE A 350 3.35 -13.21 16.81
CA ILE A 350 2.70 -11.91 16.98
C ILE A 350 2.38 -11.64 18.44
N ASP A 351 1.90 -12.66 19.14
CA ASP A 351 1.52 -12.49 20.52
C ASP A 351 2.66 -12.84 21.47
N THR A 352 3.88 -12.87 20.95
CA THR A 352 5.04 -13.20 21.77
C THR A 352 5.74 -11.91 22.17
N LYS A 353 6.15 -11.80 23.44
CA LYS A 353 6.82 -10.57 23.89
C LYS A 353 8.06 -10.27 23.04
N PHE A 354 8.30 -8.99 22.80
CA PHE A 354 9.41 -8.55 21.98
C PHE A 354 10.76 -9.18 22.31
N ILE A 355 11.11 -9.24 23.59
CA ILE A 355 12.40 -9.78 23.93
C ILE A 355 12.55 -11.20 23.39
N ASP A 356 11.48 -11.99 23.44
CA ASP A 356 11.57 -13.35 22.92
C ASP A 356 11.68 -13.32 21.40
N ARG A 357 10.97 -12.40 20.76
CA ARG A 357 11.09 -12.32 19.33
C ARG A 357 12.52 -11.90 18.98
N ARG A 358 13.08 -10.95 19.71
CA ARG A 358 14.44 -10.57 19.32
C ARG A 358 15.45 -11.68 19.54
N ARG A 359 15.32 -12.38 20.66
CA ARG A 359 16.20 -13.50 20.93
C ARG A 359 16.06 -14.52 19.82
N THR A 360 14.83 -14.74 19.37
CA THR A 360 14.59 -15.69 18.29
C THR A 360 15.25 -15.18 17.03
N LEU A 361 15.12 -13.88 16.77
CA LEU A 361 15.72 -13.32 15.58
C LEU A 361 17.23 -13.58 15.58
N GLU A 362 17.88 -13.32 16.71
CA GLU A 362 19.31 -13.53 16.83
C GLU A 362 19.68 -14.99 16.63
N GLU A 363 18.80 -15.89 17.06
CA GLU A 363 19.04 -17.33 16.93
C GLU A 363 18.81 -17.85 15.52
N ILE A 364 17.79 -17.32 14.86
CA ILE A 364 17.44 -17.77 13.53
C ILE A 364 18.16 -17.19 12.32
N ILE A 365 18.95 -16.15 12.57
CA ILE A 365 19.67 -15.51 11.48
C ILE A 365 21.16 -15.74 11.49
N LYS A 366 21.66 -16.35 10.43
CA LYS A 366 23.10 -16.54 10.30
C LYS A 366 23.44 -15.37 9.40
N GLN A 367 23.96 -14.32 10.01
CA GLN A 367 24.26 -13.11 9.26
C GLN A 367 25.29 -13.32 8.17
N ASN A 368 25.11 -12.61 7.08
CA ASN A 368 26.05 -12.71 5.99
C ASN A 368 26.30 -11.35 5.43
N GLU A 369 26.91 -11.28 4.26
CA GLU A 369 27.22 -9.96 3.74
C GLU A 369 26.01 -9.05 3.63
N LYS A 370 24.91 -9.65 3.22
CA LYS A 370 23.70 -8.90 2.97
C LYS A 370 22.66 -8.86 4.05
N ILE A 371 22.54 -9.94 4.79
CA ILE A 371 21.51 -10.04 5.82
C ILE A 371 22.11 -9.87 7.19
N LYS A 372 21.69 -8.84 7.90
CA LYS A 372 22.21 -8.57 9.22
C LYS A 372 21.08 -8.51 10.21
N VAL A 373 21.43 -8.50 11.49
CA VAL A 373 20.43 -8.34 12.51
C VAL A 373 20.70 -6.97 13.08
N ALA A 374 19.66 -6.13 13.13
CA ALA A 374 19.78 -4.77 13.63
C ALA A 374 20.57 -4.73 14.92
N GLU A 375 21.57 -3.84 14.98
CA GLU A 375 22.39 -3.71 16.18
C GLU A 375 21.49 -3.21 17.30
N ASN A 376 21.67 -3.76 18.49
CA ASN A 376 20.84 -3.32 19.59
C ASN A 376 21.60 -3.05 20.87
N LEU A 377 20.84 -2.62 21.86
CA LEU A 377 21.37 -2.35 23.17
C LEU A 377 20.14 -2.37 24.07
N ILE A 378 20.16 -3.19 25.11
CA ILE A 378 19.06 -3.18 26.05
C ILE A 378 19.66 -2.50 27.26
N THR A 379 19.03 -1.43 27.70
CA THR A 379 19.57 -0.71 28.83
C THR A 379 18.53 0.07 29.61
N LYS A 380 18.93 0.44 30.82
CA LYS A 380 18.11 1.25 31.71
C LYS A 380 18.87 2.56 31.92
N LYS A 381 20.04 2.65 31.30
CA LYS A 381 20.87 3.83 31.45
C LYS A 381 20.75 4.77 30.27
N VAL A 382 20.17 5.92 30.54
CA VAL A 382 20.00 6.92 29.52
C VAL A 382 21.30 7.25 28.82
N GLU A 383 22.39 7.39 29.56
CA GLU A 383 23.68 7.72 28.93
C GLU A 383 24.14 6.65 27.95
N GLU A 384 23.80 5.39 28.22
CA GLU A 384 24.24 4.35 27.31
C GLU A 384 23.47 4.44 26.01
N ALA A 385 22.17 4.66 26.11
CA ALA A 385 21.36 4.75 24.93
C ALA A 385 21.72 6.01 24.19
N GLU A 386 22.09 7.06 24.92
CA GLU A 386 22.45 8.32 24.26
C GLU A 386 23.73 8.15 23.45
N ALA A 387 24.65 7.34 23.97
CA ALA A 387 25.91 7.13 23.29
C ALA A 387 25.66 6.32 22.03
N PHE A 388 24.74 5.36 22.14
CA PHE A 388 24.37 4.53 21.02
C PHE A 388 23.71 5.42 19.99
N TYR A 389 22.85 6.32 20.45
CA TYR A 389 22.15 7.26 19.57
C TYR A 389 23.14 8.14 18.82
N LYS A 390 24.09 8.70 19.55
CA LYS A 390 25.08 9.55 18.93
C LYS A 390 25.80 8.80 17.82
N ARG A 391 26.15 7.56 18.11
CA ARG A 391 26.84 6.73 17.16
C ARG A 391 25.96 6.44 15.94
N ALA A 392 24.69 6.12 16.18
CA ALA A 392 23.77 5.82 15.07
C ALA A 392 23.74 7.01 14.12
N LEU A 393 23.72 8.21 14.68
CA LEU A 393 23.75 9.39 13.82
C LEU A 393 25.09 9.54 13.09
N GLU A 394 26.21 9.30 13.78
CA GLU A 394 27.51 9.45 13.12
C GLU A 394 27.65 8.41 12.03
N GLY A 396 25.46 7.64 10.02
CA GLY A 396 24.63 8.05 8.90
C GLY A 396 23.18 7.59 9.00
N HIS A 397 22.82 6.99 10.12
CA HIS A 397 21.46 6.52 10.28
C HIS A 397 20.56 7.59 10.86
N GLU A 398 19.29 7.27 11.06
CA GLU A 398 18.31 8.25 11.52
C GLU A 398 18.25 8.58 12.97
N GLY A 399 18.66 7.64 13.81
CA GLY A 399 18.59 7.83 15.23
C GLY A 399 18.40 6.43 15.78
N LEU A 400 17.59 6.30 16.82
CA LEU A 400 17.33 4.99 17.37
C LEU A 400 15.85 4.69 17.49
N ALA A 402 13.31 2.66 20.09
CA ALA A 402 13.29 2.15 21.45
C ALA A 402 12.04 1.23 21.37
N LYS A 403 12.15 0.02 21.91
CA LYS A 403 11.03 -0.92 21.87
C LYS A 403 10.82 -1.54 23.24
N ARG A 404 9.57 -1.59 23.67
CA ARG A 404 9.23 -2.19 24.95
C ARG A 404 9.58 -3.68 24.90
N LEU A 405 10.31 -4.14 25.91
CA LEU A 405 10.73 -5.52 25.95
C LEU A 405 9.62 -6.54 26.06
N ASP A 406 8.53 -6.17 26.72
CA ASP A 406 7.46 -7.15 26.91
C ASP A 406 6.30 -7.03 25.93
N ALA A 407 6.42 -6.13 24.97
CA ALA A 407 5.32 -5.88 24.06
C ALA A 407 5.13 -6.89 22.94
N VAL A 408 3.87 -7.15 22.61
CA VAL A 408 3.55 -8.06 21.55
C VAL A 408 3.67 -7.24 20.30
N TYR A 409 3.51 -7.87 19.15
CA TYR A 409 3.57 -7.16 17.88
C TYR A 409 2.14 -6.68 17.64
N GLU A 410 1.99 -5.44 17.18
CA GLU A 410 0.65 -4.89 16.95
C GLU A 410 0.54 -4.48 15.49
N PRO A 411 0.14 -5.42 14.64
CA PRO A 411 0.00 -5.15 13.21
C PRO A 411 -0.78 -3.86 12.90
N GLY A 412 -0.17 -3.00 12.08
CA GLY A 412 -0.82 -1.78 11.67
C GLY A 412 -0.99 -0.68 12.71
N ASN A 413 -0.55 -0.94 13.92
CA ASN A 413 -0.72 0.06 14.97
C ASN A 413 0.45 1.01 15.16
N ARG A 414 0.13 2.30 15.33
CA ARG A 414 1.19 3.28 15.59
C ARG A 414 1.03 3.63 17.07
N GLY A 415 1.53 2.75 17.92
CA GLY A 415 1.43 2.99 19.35
C GLY A 415 2.73 3.51 19.93
N LYS A 416 2.88 3.32 21.22
CA LYS A 416 4.07 3.75 21.93
C LYS A 416 4.97 2.59 22.36
N LYS A 417 4.66 1.37 21.88
CA LYS A 417 5.45 0.19 22.18
C LYS A 417 6.73 0.23 21.40
N TRP A 418 6.72 1.01 20.32
CA TRP A 418 7.92 1.24 19.53
C TRP A 418 7.94 2.75 19.46
N LEU A 419 9.10 3.33 19.69
CA LEU A 419 9.28 4.76 19.63
C LEU A 419 10.48 5.06 18.80
N LYS A 420 10.41 6.16 18.07
CA LYS A 420 11.52 6.61 17.26
C LYS A 420 12.13 7.82 17.97
N ILE A 421 13.46 7.89 17.99
CA ILE A 421 14.16 9.01 18.59
C ILE A 421 15.10 9.54 17.52
N LYS A 422 14.84 10.79 17.15
CA LYS A 422 15.57 11.45 16.10
C LYS A 422 15.96 12.86 16.51
N PRO A 423 16.91 13.44 15.78
CA PRO A 423 17.36 14.80 16.06
C PRO A 423 16.40 15.85 15.52
N THR A 424 15.46 15.44 14.67
CA THR A 424 14.51 16.40 14.09
C THR A 424 13.10 15.85 14.05
N GLU A 426 10.03 14.30 12.61
CA GLU A 426 10.05 13.51 11.41
C GLU A 426 9.22 14.09 10.29
N ASN A 427 9.67 13.85 9.07
CA ASN A 427 8.97 14.32 7.90
C ASN A 427 7.66 13.57 7.78
N LEU A 428 6.71 14.19 7.08
CA LEU A 428 5.40 13.60 6.88
C LEU A 428 5.32 12.96 5.51
N ASP A 429 4.65 11.83 5.44
CA ASP A 429 4.45 11.12 4.18
C ASP A 429 2.98 11.32 3.89
N LEU A 430 2.70 12.13 2.88
CA LEU A 430 1.33 12.49 2.61
C LEU A 430 0.96 12.26 1.15
N VAL A 431 -0.34 12.26 0.89
CA VAL A 431 -0.83 12.03 -0.45
C VAL A 431 -1.03 13.29 -1.24
N ILE A 432 -0.55 13.31 -2.48
CA ILE A 432 -0.73 14.48 -3.32
C ILE A 432 -2.18 14.39 -3.81
N ILE A 433 -3.05 15.24 -3.30
CA ILE A 433 -4.45 15.19 -3.72
C ILE A 433 -4.82 16.29 -4.71
N GLY A 434 -3.84 17.09 -5.11
CA GLY A 434 -4.11 18.18 -6.04
C GLY A 434 -2.83 18.90 -6.31
N ALA A 435 -2.85 19.78 -7.30
CA ALA A 435 -1.66 20.54 -7.63
C ALA A 435 -2.09 21.83 -8.29
N GLU A 436 -1.15 22.74 -8.44
CA GLU A 436 -1.46 23.99 -9.09
C GLU A 436 -0.38 24.25 -10.12
N TRP A 437 -0.77 24.60 -11.33
CA TRP A 437 0.20 24.87 -12.37
C TRP A 437 1.05 26.02 -11.86
N GLY A 438 2.30 26.07 -12.30
CA GLY A 438 3.19 27.12 -11.86
C GLY A 438 2.89 28.41 -12.57
N GLU A 439 3.66 29.43 -12.28
CA GLU A 439 3.47 30.73 -12.90
C GLU A 439 4.56 31.04 -13.91
N GLY A 440 4.33 32.06 -14.74
CA GLY A 440 5.32 32.46 -15.73
C GLY A 440 5.86 31.33 -16.57
N ARG A 441 7.17 31.24 -16.65
CA ARG A 441 7.78 30.19 -17.45
C ARG A 441 7.45 28.79 -16.94
N ARG A 442 6.83 28.69 -15.76
CA ARG A 442 6.49 27.39 -15.17
C ARG A 442 5.01 27.01 -15.34
N ALA A 443 4.29 27.77 -16.17
CA ALA A 443 2.87 27.53 -16.37
C ALA A 443 2.51 26.16 -16.91
N HIS A 444 3.47 25.48 -17.54
CA HIS A 444 3.20 24.18 -18.13
C HIS A 444 3.49 23.03 -17.17
N LEU A 445 3.99 23.38 -15.99
CA LEU A 445 4.34 22.39 -14.98
C LEU A 445 3.57 22.61 -13.69
N PHE A 446 3.37 21.54 -12.93
CA PHE A 446 2.74 21.73 -11.64
C PHE A 446 3.89 22.34 -10.84
N GLY A 447 3.62 23.36 -10.05
CA GLY A 447 4.67 23.97 -9.27
C GLY A 447 4.37 23.85 -7.79
N SER A 448 3.16 23.42 -7.50
CA SER A 448 2.69 23.30 -6.13
C SER A 448 1.82 22.06 -6.03
N PHE A 449 1.86 21.39 -4.88
CA PHE A 449 1.08 20.18 -4.69
C PHE A 449 0.31 20.21 -3.36
N ILE A 450 -0.98 19.90 -3.43
CA ILE A 450 -1.86 19.89 -2.26
C ILE A 450 -1.68 18.53 -1.60
N LEU A 451 -1.41 18.54 -0.30
CA LEU A 451 -1.17 17.31 0.43
C LEU A 451 -2.32 16.89 1.31
N GLY A 452 -2.62 15.61 1.28
CA GLY A 452 -3.69 15.10 2.10
C GLY A 452 -3.21 14.02 3.04
N ALA A 453 -3.83 14.01 4.21
CA ALA A 453 -3.52 13.00 5.20
C ALA A 453 -4.67 12.02 5.02
N TYR A 454 -4.36 10.74 5.10
CA TYR A 454 -5.35 9.69 4.96
C TYR A 454 -6.26 9.57 6.20
N ASP A 455 -7.53 9.27 5.97
CA ASP A 455 -8.49 9.03 7.05
C ASP A 455 -9.02 7.62 6.75
N PRO A 456 -8.61 6.63 7.56
CA PRO A 456 -8.99 5.23 7.41
C PRO A 456 -10.50 4.95 7.44
N GLU A 457 -11.16 5.53 8.43
CA GLU A 457 -12.58 5.33 8.65
C GLU A 457 -13.47 5.88 7.55
N THR A 458 -13.00 6.95 6.94
CA THR A 458 -13.76 7.61 5.90
C THR A 458 -13.21 7.31 4.51
N GLY A 459 -11.92 6.99 4.44
CA GLY A 459 -11.28 6.67 3.18
C GLY A 459 -10.87 7.88 2.38
N GLU A 460 -11.16 9.07 2.87
CA GLU A 460 -10.78 10.26 2.11
C GLU A 460 -9.42 10.79 2.55
N PHE A 461 -8.91 11.74 1.77
CA PHE A 461 -7.62 12.32 2.08
C PHE A 461 -7.86 13.79 2.32
N LEU A 462 -7.69 14.20 3.57
CA LEU A 462 -7.95 15.58 3.96
C LEU A 462 -6.74 16.48 3.84
N GLU A 463 -6.96 17.64 3.22
CA GLU A 463 -5.91 18.60 2.99
C GLU A 463 -5.26 19.01 4.29
N VAL A 464 -3.93 19.01 4.29
CA VAL A 464 -3.19 19.44 5.45
C VAL A 464 -2.10 20.42 5.06
N GLY A 465 -2.03 20.73 3.78
CA GLY A 465 -1.03 21.68 3.34
C GLY A 465 -0.80 21.71 1.85
N LYS A 466 0.11 22.60 1.43
CA LYS A 466 0.45 22.74 0.03
C LYS A 466 1.95 22.93 -0.04
N VAL A 467 2.62 22.09 -0.82
CA VAL A 467 4.06 22.18 -0.92
C VAL A 467 4.47 22.65 -2.29
N GLY A 468 5.33 23.65 -2.33
CA GLY A 468 5.78 24.19 -3.61
C GLY A 468 7.24 24.57 -3.53
N SER A 469 7.93 23.97 -2.58
CA SER A 469 9.34 24.21 -2.39
C SER A 469 10.08 22.88 -2.31
N GLY A 470 11.35 22.90 -2.69
CA GLY A 470 12.16 21.69 -2.63
C GLY A 470 12.20 20.87 -3.90
N PHE A 471 11.42 21.26 -4.91
CA PHE A 471 11.44 20.54 -6.17
C PHE A 471 12.36 21.21 -7.16
N THR A 472 13.24 20.42 -7.78
CA THR A 472 14.10 20.97 -8.81
C THR A 472 13.21 21.06 -10.03
N ASP A 473 13.68 21.75 -11.07
CA ASP A 473 12.88 21.86 -12.26
C ASP A 473 12.55 20.48 -12.80
N ASP A 474 13.53 19.58 -12.76
CA ASP A 474 13.30 18.22 -13.23
C ASP A 474 12.26 17.51 -12.38
N ASP A 475 12.30 17.73 -11.06
CA ASP A 475 11.28 17.10 -10.21
C ASP A 475 9.91 17.55 -10.69
N LEU A 476 9.78 18.85 -10.97
CA LEU A 476 8.48 19.37 -11.40
C LEU A 476 8.04 18.73 -12.71
N VAL A 477 8.99 18.57 -13.63
CA VAL A 477 8.74 17.92 -14.91
C VAL A 477 8.28 16.50 -14.64
N GLU A 478 9.01 15.79 -13.80
CA GLU A 478 8.63 14.40 -13.52
C GLU A 478 7.28 14.28 -12.82
N PHE A 479 7.02 15.10 -11.80
CA PHE A 479 5.73 15.03 -11.12
C PHE A 479 4.57 15.42 -12.06
N THR A 480 4.83 16.37 -12.95
CA THR A 480 3.77 16.77 -13.85
C THR A 480 3.41 15.60 -14.76
N LYS A 481 4.42 14.89 -15.28
CA LYS A 481 4.14 13.77 -16.15
C LYS A 481 3.47 12.66 -15.36
N LEU A 483 1.60 12.92 -12.50
CA LEU A 483 0.27 13.28 -12.02
C LEU A 483 -0.78 13.64 -13.09
N LYS A 484 -0.36 14.12 -14.25
CA LYS A 484 -1.35 14.50 -15.27
C LYS A 484 -2.45 13.46 -15.49
N PRO A 485 -2.08 12.16 -15.52
CA PRO A 485 -3.07 11.09 -15.71
C PRO A 485 -4.05 10.99 -14.56
N LEU A 486 -3.69 11.56 -13.41
CA LEU A 486 -4.53 11.47 -12.24
C LEU A 486 -5.50 12.64 -12.06
N ILE A 487 -5.45 13.60 -12.97
CA ILE A 487 -6.35 14.74 -12.87
C ILE A 487 -7.78 14.24 -12.96
N ILE A 488 -8.63 14.69 -12.05
CA ILE A 488 -10.04 14.29 -12.06
C ILE A 488 -10.91 15.53 -12.14
N LYS A 489 -10.27 16.69 -11.97
CA LYS A 489 -10.95 17.98 -12.07
C LYS A 489 -9.91 19.08 -12.20
N GLU A 490 -10.20 20.05 -13.05
CA GLU A 490 -9.25 21.15 -13.26
C GLU A 490 -10.03 22.45 -13.20
N GLU A 491 -9.39 23.49 -12.65
CA GLU A 491 -10.08 24.75 -12.48
C GLU A 491 -9.04 25.86 -12.35
N GLY A 492 -8.69 26.49 -13.46
CA GLY A 492 -7.70 27.54 -13.42
C GLY A 492 -6.31 26.96 -13.19
N LYS A 493 -5.62 27.45 -12.17
CA LYS A 493 -4.29 26.96 -11.87
C LYS A 493 -4.40 25.70 -11.02
N ARG A 494 -5.60 25.39 -10.56
CA ARG A 494 -5.82 24.25 -9.69
C ARG A 494 -6.34 22.97 -10.34
N VAL A 495 -5.72 21.85 -9.96
CA VAL A 495 -6.11 20.54 -10.46
C VAL A 495 -6.31 19.63 -9.26
N TRP A 496 -7.31 18.76 -9.35
CA TRP A 496 -7.58 17.78 -8.29
C TRP A 496 -7.04 16.46 -8.82
N LEU A 497 -6.43 15.66 -7.95
CA LEU A 497 -5.82 14.43 -8.40
C LEU A 497 -6.30 13.19 -7.68
N GLN A 498 -6.29 12.06 -8.38
CA GLN A 498 -6.65 10.80 -7.75
C GLN A 498 -5.59 10.66 -6.66
N PRO A 499 -5.98 10.30 -5.43
CA PRO A 499 -5.03 10.15 -4.32
C PRO A 499 -4.20 8.88 -4.42
N LYS A 500 -3.07 8.95 -5.11
CA LYS A 500 -2.23 7.77 -5.29
C LYS A 500 -0.76 7.93 -5.01
N VAL A 501 -0.26 9.15 -5.17
CA VAL A 501 1.14 9.43 -4.97
C VAL A 501 1.42 9.95 -3.57
N VAL A 502 2.32 9.28 -2.85
CA VAL A 502 2.67 9.68 -1.51
C VAL A 502 4.06 10.28 -1.58
N ILE A 503 4.23 11.43 -0.95
CA ILE A 503 5.54 12.05 -0.96
C ILE A 503 5.87 12.42 0.45
N GLU A 504 7.17 12.51 0.71
CA GLU A 504 7.67 12.87 2.01
C GLU A 504 8.03 14.33 1.96
N VAL A 505 7.62 15.08 2.98
CA VAL A 505 7.92 16.50 3.02
C VAL A 505 8.37 16.89 4.39
N THR A 506 9.18 17.94 4.44
CA THR A 506 9.57 18.49 5.70
C THR A 506 8.53 19.60 5.84
N TYR A 507 8.50 20.20 7.02
CA TYR A 507 7.60 21.31 7.31
C TYR A 507 8.29 22.15 8.37
N GLN A 508 8.06 23.45 8.33
CA GLN A 508 8.66 24.35 9.30
C GLN A 508 7.88 24.25 10.59
N GLU A 509 6.60 23.96 10.48
CA GLU A 509 5.73 23.87 11.65
C GLU A 509 4.39 23.27 11.26
N ILE A 510 3.78 22.57 12.20
CA ILE A 510 2.48 21.99 12.01
C ILE A 510 1.57 22.96 12.73
N GLN A 511 0.63 23.53 12.00
CA GLN A 511 -0.27 24.49 12.63
C GLN A 511 -1.65 23.90 12.78
N LYS A 512 -2.29 24.18 13.90
CA LYS A 512 -3.64 23.69 14.17
C LYS A 512 -4.56 24.77 13.60
N SER A 513 -4.90 24.66 12.32
CA SER A 513 -5.76 25.62 11.62
C SER A 513 -7.25 25.34 11.70
N PRO A 514 -8.01 26.31 12.19
CA PRO A 514 -9.46 26.18 12.28
C PRO A 514 -9.91 26.10 10.84
N LYS A 515 -9.06 26.68 9.99
CA LYS A 515 -9.22 26.76 8.55
C LYS A 515 -9.70 25.52 7.82
N TYR A 516 -8.83 24.53 7.66
CA TYR A 516 -9.20 23.30 6.94
C TYR A 516 -9.93 22.25 7.77
N ARG A 517 -10.67 21.41 7.07
CA ARG A 517 -11.45 20.36 7.70
C ARG A 517 -10.59 19.45 8.57
N SER A 518 -9.38 19.17 8.10
CA SER A 518 -8.44 18.30 8.81
C SER A 518 -8.07 18.86 10.17
N GLY A 519 -8.19 20.17 10.30
CA GLY A 519 -7.84 20.84 11.54
C GLY A 519 -6.38 21.22 11.58
N PHE A 520 -5.62 20.82 10.56
CA PHE A 520 -4.19 21.14 10.50
C PHE A 520 -3.71 21.75 9.19
N ALA A 521 -2.57 22.42 9.25
CA ALA A 521 -1.95 23.02 8.09
C ALA A 521 -0.45 23.04 8.31
N LEU A 522 0.29 22.59 7.30
CA LEU A 522 1.73 22.58 7.40
C LEU A 522 2.29 23.92 6.94
N ARG A 523 3.16 24.50 7.76
CA ARG A 523 3.79 25.76 7.40
C ARG A 523 5.02 25.51 6.55
N PHE A 524 5.02 26.06 5.33
CA PHE A 524 6.10 25.95 4.39
C PHE A 524 6.74 24.56 4.24
N PRO A 525 5.95 23.61 3.76
CA PRO A 525 6.45 22.26 3.56
C PRO A 525 7.48 22.32 2.44
N ARG A 526 8.37 21.33 2.38
CA ARG A 526 9.37 21.25 1.32
C ARG A 526 9.44 19.80 0.90
N PHE A 527 9.54 19.60 -0.40
CA PHE A 527 9.65 18.26 -0.94
C PHE A 527 10.91 17.54 -0.49
N VAL A 528 10.75 16.31 -0.02
CA VAL A 528 11.96 15.56 0.33
C VAL A 528 12.13 14.43 -0.65
N ALA A 529 11.09 13.62 -0.82
CA ALA A 529 11.20 12.48 -1.73
C ALA A 529 9.86 11.90 -2.12
N LEU A 530 9.90 11.10 -3.18
CA LEU A 530 8.74 10.38 -3.63
C LEU A 530 8.78 9.16 -2.72
N ARG A 531 7.66 8.83 -2.10
CA ARG A 531 7.61 7.69 -1.20
C ARG A 531 6.69 6.65 -1.76
N ASP A 532 7.08 6.11 -2.92
CA ASP A 532 6.25 5.12 -3.54
C ASP A 532 6.36 3.72 -2.95
N ASP A 533 7.02 3.63 -1.79
CA ASP A 533 7.01 2.34 -1.10
C ASP A 533 5.82 2.45 -0.15
N LYS A 534 5.09 3.56 -0.24
CA LYS A 534 3.88 3.72 0.57
C LYS A 534 2.70 4.00 -0.33
N GLY A 535 1.62 3.26 -0.11
CA GLY A 535 0.41 3.52 -0.88
C GLY A 535 -0.34 4.67 -0.24
N PRO A 536 -1.31 5.26 -0.96
CA PRO A 536 -2.09 6.38 -0.44
C PRO A 536 -2.63 6.03 0.94
N GLU A 537 -3.11 4.79 1.07
CA GLU A 537 -3.67 4.32 2.33
C GLU A 537 -2.66 4.08 3.43
N ASP A 538 -1.36 4.14 3.10
CA ASP A 538 -0.29 3.96 4.09
C ASP A 538 0.25 5.32 4.53
N ALA A 539 -0.25 6.38 3.91
CA ALA A 539 0.21 7.71 4.25
C ALA A 539 -0.11 8.06 5.67
N ASP A 540 0.56 9.08 6.18
CA ASP A 540 0.33 9.55 7.53
C ASP A 540 -1.08 10.05 7.66
N THR A 541 -1.62 9.84 8.84
CA THR A 541 -2.98 10.22 9.12
C THR A 541 -3.05 11.48 9.93
N ILE A 542 -4.26 11.96 10.12
CA ILE A 542 -4.45 13.16 10.91
C ILE A 542 -3.98 12.86 12.33
N GLU A 543 -4.24 11.65 12.81
CA GLU A 543 -3.82 11.28 14.15
C GLU A 543 -2.31 11.38 14.25
N ARG A 544 -1.60 10.86 13.25
CA ARG A 544 -0.15 10.91 13.24
C ARG A 544 0.30 12.36 13.29
N ILE A 545 -0.37 13.20 12.52
CA ILE A 545 -0.03 14.62 12.48
C ILE A 545 -0.30 15.25 13.84
N ALA A 546 -1.44 14.91 14.44
CA ALA A 546 -1.80 15.46 15.75
C ALA A 546 -0.72 15.09 16.74
N GLN A 547 -0.22 13.86 16.62
CA GLN A 547 0.81 13.40 17.53
C GLN A 547 2.07 14.23 17.39
N LEU A 548 2.47 14.53 16.15
CA LEU A 548 3.67 15.34 15.94
C LEU A 548 3.42 16.76 16.41
N TYR A 549 2.19 17.23 16.21
CA TYR A 549 1.83 18.56 16.65
C TYR A 549 2.02 18.64 18.15
N GLU A 550 1.52 17.65 18.89
CA GLU A 550 1.67 17.64 20.35
C GLU A 550 3.15 17.68 20.70
N LEU A 551 3.94 16.88 20.00
CA LEU A 551 5.37 16.83 20.27
C LEU A 551 6.01 18.19 20.00
N GLN A 552 5.57 18.83 18.93
CA GLN A 552 6.09 20.14 18.56
C GLN A 552 5.75 21.16 19.64
N GLU A 553 4.51 21.12 20.10
CA GLU A 553 4.06 22.07 21.10
C GLU A 553 4.70 21.76 22.45
N LYS A 554 4.95 20.48 22.73
CA LYS A 554 5.58 20.15 24.00
C LYS A 554 6.95 20.81 24.06
N LYS A 556 7.98 23.50 22.31
CA LYS A 556 7.88 24.95 22.30
C LYS A 556 7.55 25.39 23.72
N GLY A 557 6.69 24.62 24.38
CA GLY A 557 6.29 24.92 25.74
C GLY A 557 7.46 24.83 26.72
N LYS A 558 8.53 24.16 26.31
CA LYS A 558 9.72 24.02 27.15
C LYS A 558 10.76 25.11 26.86
N VAL A 559 10.58 25.84 25.76
CA VAL A 559 11.51 26.88 25.38
C VAL A 559 11.84 27.84 26.53
N GLU A 560 13.13 28.16 26.64
CA GLU A 560 13.65 29.06 27.66
C GLU A 560 13.74 28.30 28.98
N SER A 561 13.71 29.03 30.07
CA SER A 561 13.80 28.43 31.39
C SER A 561 13.66 29.53 32.44
#